data_7AW5
#
_entry.id   7AW5
#
_cell.length_a   72.470
_cell.length_b   73.680
_cell.length_c   124.790
_cell.angle_alpha   90.000
_cell.angle_beta   90.000
_cell.angle_gamma   90.000
#
_symmetry.space_group_name_H-M   'P 21 21 21'
#
loop_
_entity.id
_entity.type
_entity.pdbx_description
1 polymer Beta-lactamase
2 non-polymer 'CHLORIDE ION'
3 non-polymer '4-[(~{E})-[3-(4-chlorophenyl)-5-sulfanylidene-1~{H}-1,2,4-triazol-4-yl]iminomethyl]benzoic acid'
4 water water
#
_entity_poly.entity_id   1
_entity_poly.type   'polypeptide(L)'
_entity_poly.pdbx_seq_one_letter_code
;EWQENKSWNAHFTEHKSQGVVVLWNENKQQGFTNNLKRANQAFLPASTF(KCX)IPNSLIALDLGVVKDEHQVFKWDGQT
RDIATWNRDHNLITAMKYSVVPVYQEFARQIGEARMSKMLHAFDYGNEDISGNVDSFWLDGGIRISATEQISFLRKLYHN
KLHVSERSQRIVKQAMLTEANGDYIIRAKTGYSTRIEPKIGWWVGWVELDDNVWFFAMNMDMPTSDGLGLRQAITKEVLK
QEKIIP
;
_entity_poly.pdbx_strand_id   A,B
#
# COMPACT_ATOMS: atom_id res chain seq x y z
N GLU A 1 -4.25 -2.92 -31.29
CA GLU A 1 -3.52 -2.74 -30.04
C GLU A 1 -3.98 -1.48 -29.31
N TRP A 2 -4.28 -0.44 -30.07
CA TRP A 2 -4.72 0.84 -29.50
C TRP A 2 -6.10 1.23 -30.00
N GLN A 3 -6.86 1.85 -29.12
CA GLN A 3 -8.21 2.27 -29.43
C GLN A 3 -8.42 3.69 -28.92
N GLU A 4 -9.01 4.53 -29.77
CA GLU A 4 -9.36 5.88 -29.38
C GLU A 4 -10.83 5.94 -29.01
N ASN A 5 -11.13 6.48 -27.83
CA ASN A 5 -12.49 6.59 -27.35
C ASN A 5 -12.80 8.05 -27.10
N LYS A 6 -13.39 8.72 -28.08
CA LYS A 6 -13.63 10.15 -27.95
C LYS A 6 -14.73 10.48 -26.94
N SER A 7 -15.52 9.47 -26.57
CA SER A 7 -16.58 9.69 -25.57
C SER A 7 -16.00 10.14 -24.22
N TRP A 8 -14.73 9.82 -23.96
CA TRP A 8 -14.09 10.28 -22.72
C TRP A 8 -13.93 11.80 -22.68
N ASN A 9 -13.94 12.44 -23.85
CA ASN A 9 -13.78 13.88 -23.88
C ASN A 9 -14.90 14.57 -23.11
N ALA A 10 -16.02 13.88 -22.97
CA ALA A 10 -17.12 14.36 -22.15
C ALA A 10 -16.69 14.61 -20.71
N HIS A 11 -15.69 13.90 -20.21
CA HIS A 11 -15.25 14.13 -18.83
C HIS A 11 -14.35 15.34 -18.74
N PHE A 12 -13.69 15.66 -19.84
CA PHE A 12 -12.86 16.85 -19.89
C PHE A 12 -13.70 18.08 -20.10
N THR A 13 -14.55 18.14 -21.13
CA THR A 13 -15.24 19.37 -21.51
C THR A 13 -16.22 19.90 -20.44
N GLU A 14 -16.79 19.00 -19.66
CA GLU A 14 -17.73 19.38 -18.59
C GLU A 14 -17.06 20.15 -17.45
N HIS A 15 -15.74 20.14 -17.39
CA HIS A 15 -15.01 20.92 -16.39
C HIS A 15 -14.26 22.08 -17.04
N LYS A 16 -14.69 22.44 -18.24
CA LYS A 16 -14.04 23.44 -19.11
C LYS A 16 -12.53 23.20 -19.20
N SER A 17 -12.18 21.95 -19.50
CA SER A 17 -10.80 21.46 -19.51
C SER A 17 -10.45 20.73 -20.81
N GLN A 18 -9.14 20.58 -21.03
CA GLN A 18 -8.62 19.85 -22.18
C GLN A 18 -7.50 18.93 -21.74
N GLY A 19 -7.44 17.71 -22.26
CA GLY A 19 -6.32 16.86 -21.94
C GLY A 19 -6.43 15.46 -22.47
N VAL A 20 -5.61 14.55 -21.93
CA VAL A 20 -5.61 13.18 -22.39
C VAL A 20 -5.57 12.21 -21.20
N VAL A 21 -6.31 11.12 -21.31
CA VAL A 21 -6.14 9.98 -20.40
C VAL A 21 -5.72 8.79 -21.25
N VAL A 22 -4.69 8.08 -20.80
CA VAL A 22 -4.24 6.86 -21.46
C VAL A 22 -4.36 5.71 -20.48
N LEU A 23 -5.03 4.62 -20.88
CA LEU A 23 -5.12 3.40 -20.09
C LEU A 23 -4.42 2.24 -20.78
N TRP A 24 -3.83 1.34 -19.99
CA TRP A 24 -3.22 0.14 -20.55
C TRP A 24 -3.68 -1.09 -19.76
N ASN A 25 -4.38 -1.99 -20.44
CA ASN A 25 -4.84 -3.24 -19.85
C ASN A 25 -3.70 -4.26 -19.89
N GLU A 26 -3.14 -4.61 -18.74
CA GLU A 26 -1.93 -5.42 -18.75
C GLU A 26 -2.20 -6.86 -19.21
N ASN A 27 -3.31 -7.44 -18.75
CA ASN A 27 -3.62 -8.83 -19.14
C ASN A 27 -3.77 -8.95 -20.65
N LYS A 28 -4.44 -7.97 -21.25
CA LYS A 28 -4.76 -8.05 -22.67
C LYS A 28 -3.74 -7.37 -23.57
N GLN A 29 -2.82 -6.61 -22.98
CA GLN A 29 -1.81 -5.86 -23.72
C GLN A 29 -2.50 -4.97 -24.76
N GLN A 30 -3.48 -4.19 -24.28
CA GLN A 30 -4.24 -3.28 -25.14
C GLN A 30 -4.30 -1.91 -24.49
N GLY A 31 -4.22 -0.88 -25.32
CA GLY A 31 -4.29 0.50 -24.85
C GLY A 31 -5.52 1.25 -25.31
N PHE A 32 -5.94 2.25 -24.52
CA PHE A 32 -7.13 3.06 -24.79
C PHE A 32 -6.85 4.52 -24.45
N THR A 33 -7.31 5.45 -25.28
CA THR A 33 -7.12 6.86 -24.97
C THR A 33 -8.19 7.70 -25.66
N ASN A 34 -8.44 8.90 -25.14
CA ASN A 34 -9.38 9.81 -25.81
C ASN A 34 -8.73 10.58 -26.94
N ASN A 35 -7.40 10.58 -26.99
CA ASN A 35 -6.69 11.46 -27.91
C ASN A 35 -5.34 10.85 -28.25
N LEU A 36 -5.27 10.12 -29.36
CA LEU A 36 -4.05 9.41 -29.73
C LEU A 36 -2.88 10.36 -29.96
N LYS A 37 -3.14 11.51 -30.57
CA LYS A 37 -2.06 12.46 -30.81
C LYS A 37 -1.47 12.96 -29.47
N ARG A 38 -2.32 13.47 -28.59
CA ARG A 38 -1.83 14.01 -27.32
C ARG A 38 -1.23 12.92 -26.42
N ALA A 39 -1.71 11.69 -26.55
CA ALA A 39 -1.16 10.57 -25.80
C ALA A 39 0.33 10.40 -26.08
N ASN A 40 0.74 10.83 -27.28
CA ASN A 40 2.13 10.66 -27.68
C ASN A 40 2.88 11.98 -27.76
N GLN A 41 2.31 13.06 -27.24
CA GLN A 41 3.04 14.32 -27.17
C GLN A 41 3.79 14.41 -25.84
N ALA A 42 4.98 14.98 -25.89
CA ALA A 42 5.84 14.97 -24.70
C ALA A 42 5.86 16.30 -23.96
N PHE A 43 5.89 16.21 -22.63
CA PHE A 43 5.86 17.37 -21.76
C PHE A 43 6.93 17.22 -20.68
N LEU A 44 7.28 18.32 -20.01
CA LEU A 44 8.14 18.24 -18.81
C LEU A 44 7.47 17.37 -17.81
N PRO A 45 8.13 16.35 -17.24
CA PRO A 45 7.46 15.51 -16.23
C PRO A 45 7.03 16.17 -14.92
N ALA A 46 7.71 17.26 -14.57
CA ALA A 46 7.45 17.95 -13.30
C ALA A 46 7.54 16.91 -12.19
N SER A 47 6.67 16.96 -11.18
CA SER A 47 6.87 16.07 -10.04
C SER A 47 6.62 14.58 -10.30
N THR A 48 6.13 14.19 -11.48
CA THR A 48 6.11 12.77 -11.78
C THR A 48 7.54 12.22 -11.85
N PHE A 49 8.52 13.13 -12.02
CA PHE A 49 9.93 12.72 -12.00
C PHE A 49 10.38 12.18 -10.65
N ILE A 51 9.29 9.70 -9.24
CA ILE A 51 9.37 8.24 -9.31
C ILE A 51 10.79 7.80 -9.73
N PRO A 52 11.29 8.20 -10.92
CA PRO A 52 12.67 7.78 -11.19
C PRO A 52 13.73 8.38 -10.24
N ASN A 53 13.52 9.62 -9.78
CA ASN A 53 14.46 10.26 -8.86
C ASN A 53 14.57 9.44 -7.56
N SER A 54 13.42 9.01 -7.03
CA SER A 54 13.42 8.16 -5.84
C SER A 54 14.18 6.85 -6.05
N LEU A 55 13.97 6.24 -7.21
CA LEU A 55 14.58 4.96 -7.53
C LEU A 55 16.10 5.08 -7.53
N ILE A 56 16.58 6.15 -8.16
CA ILE A 56 18.00 6.40 -8.29
C ILE A 56 18.60 6.74 -6.93
N ALA A 57 17.90 7.57 -6.17
CA ALA A 57 18.37 7.99 -4.86
C ALA A 57 18.51 6.78 -3.92
N LEU A 58 17.55 5.87 -3.98
CA LEU A 58 17.60 4.67 -3.14
C LEU A 58 18.70 3.73 -3.56
N ASP A 59 18.84 3.50 -4.87
CA ASP A 59 19.79 2.50 -5.33
C ASP A 59 21.23 2.95 -5.08
N LEU A 60 21.45 4.26 -5.05
CA LEU A 60 22.79 4.80 -4.79
C LEU A 60 23.07 5.02 -3.32
N GLY A 61 22.07 4.81 -2.47
CA GLY A 61 22.26 5.01 -1.03
C GLY A 61 22.14 6.45 -0.57
N VAL A 62 21.75 7.34 -1.48
CA VAL A 62 21.46 8.72 -1.13
C VAL A 62 20.28 8.77 -0.17
N VAL A 63 19.30 7.90 -0.41
CA VAL A 63 18.24 7.64 0.55
C VAL A 63 18.42 6.25 1.13
N LYS A 64 18.55 6.15 2.45
CA LYS A 64 18.82 4.86 3.07
C LYS A 64 17.61 3.96 3.07
N ASP A 65 16.47 4.52 3.46
CA ASP A 65 15.19 3.81 3.45
C ASP A 65 14.05 4.81 3.55
N GLU A 66 12.82 4.30 3.65
CA GLU A 66 11.68 5.19 3.62
C GLU A 66 11.41 5.92 4.92
N HIS A 67 12.21 5.64 5.96
CA HIS A 67 12.08 6.26 7.28
C HIS A 67 13.04 7.41 7.50
N GLN A 68 14.11 7.47 6.70
CA GLN A 68 15.12 8.52 6.87
C GLN A 68 14.48 9.91 6.78
N VAL A 69 14.84 10.77 7.73
CA VAL A 69 14.23 12.08 7.82
C VAL A 69 15.09 13.12 7.13
N PHE A 70 14.48 13.90 6.26
CA PHE A 70 15.17 15.00 5.60
C PHE A 70 14.65 16.28 6.24
N LYS A 71 15.49 16.89 7.07
CA LYS A 71 15.05 18.03 7.86
C LYS A 71 14.82 19.25 6.99
N TRP A 72 13.81 20.04 7.35
CA TRP A 72 13.50 21.29 6.67
C TRP A 72 14.69 22.22 6.71
N ASP A 73 14.97 22.90 5.61
CA ASP A 73 16.12 23.80 5.60
C ASP A 73 15.79 25.17 6.22
N GLY A 74 14.54 25.35 6.62
CA GLY A 74 14.14 26.59 7.28
C GLY A 74 13.73 27.70 6.32
N GLN A 75 13.78 27.41 5.03
CA GLN A 75 13.32 28.37 4.02
C GLN A 75 11.82 28.22 3.84
N THR A 76 11.06 29.28 4.13
CA THR A 76 9.61 29.21 3.98
C THR A 76 9.25 29.33 2.50
N ARG A 77 8.65 28.27 1.97
CA ARG A 77 8.22 28.24 0.56
C ARG A 77 6.71 28.33 0.44
N ASP A 78 6.22 28.52 -0.78
CA ASP A 78 4.80 28.80 -1.01
C ASP A 78 3.86 27.67 -0.60
N ILE A 79 4.31 26.44 -0.75
CA ILE A 79 3.48 25.30 -0.35
C ILE A 79 3.75 24.93 1.11
N ALA A 80 2.75 25.11 1.96
CA ALA A 80 2.92 25.00 3.41
C ALA A 80 3.42 23.63 3.85
N THR A 81 2.97 22.59 3.17
CA THR A 81 3.36 21.23 3.56
C THR A 81 4.84 20.98 3.33
N TRP A 82 5.49 21.84 2.55
CA TRP A 82 6.92 21.69 2.30
C TRP A 82 7.78 22.19 3.46
N ASN A 83 7.18 23.02 4.31
CA ASN A 83 7.94 23.74 5.34
C ASN A 83 8.04 22.97 6.66
N ARG A 84 8.57 21.75 6.57
CA ARG A 84 8.66 20.84 7.71
C ARG A 84 9.52 19.66 7.30
N ASP A 85 9.85 18.79 8.26
CA ASP A 85 10.62 17.59 7.97
C ASP A 85 9.80 16.59 7.17
N HIS A 86 10.50 15.79 6.36
CA HIS A 86 9.86 14.77 5.53
C HIS A 86 10.67 13.49 5.47
N ASN A 87 9.99 12.37 5.19
CA ASN A 87 10.70 11.18 4.77
C ASN A 87 10.29 10.90 3.32
N LEU A 88 10.73 9.78 2.76
CA LEU A 88 10.41 9.49 1.36
C LEU A 88 8.89 9.41 1.16
N ILE A 89 8.17 8.80 2.11
CA ILE A 89 6.72 8.63 1.98
C ILE A 89 6.01 9.98 1.90
N THR A 90 6.32 10.88 2.84
CA THR A 90 5.62 12.15 2.87
C THR A 90 6.16 13.11 1.81
N ALA A 91 7.43 12.98 1.44
CA ALA A 91 7.97 13.85 0.39
C ALA A 91 7.32 13.54 -0.95
N MET A 92 7.03 12.28 -1.22
CA MET A 92 6.28 11.93 -2.41
C MET A 92 4.84 12.42 -2.32
N LYS A 93 4.21 12.08 -1.23
CA LYS A 93 2.82 12.47 -1.02
C LYS A 93 2.56 13.98 -1.24
N TYR A 94 3.47 14.81 -0.74
CA TYR A 94 3.29 16.25 -0.80
C TYR A 94 4.12 16.92 -1.90
N SER A 95 4.73 16.11 -2.76
CA SER A 95 5.53 16.57 -3.89
C SER A 95 6.56 17.61 -3.46
N VAL A 96 7.36 17.25 -2.47
CA VAL A 96 8.24 18.21 -1.80
C VAL A 96 9.52 18.42 -2.60
N VAL A 97 9.44 19.34 -3.55
CA VAL A 97 10.53 19.64 -4.47
C VAL A 97 11.90 19.84 -3.80
N PRO A 98 12.00 20.68 -2.74
CA PRO A 98 13.36 20.89 -2.20
C PRO A 98 14.07 19.63 -1.70
N VAL A 99 13.31 18.67 -1.16
CA VAL A 99 13.91 17.41 -0.73
C VAL A 99 14.54 16.69 -1.92
N TYR A 100 13.82 16.64 -3.04
CA TYR A 100 14.30 15.94 -4.23
C TYR A 100 15.37 16.73 -4.98
N GLN A 101 15.36 18.06 -4.85
CA GLN A 101 16.43 18.86 -5.41
C GLN A 101 17.77 18.52 -4.73
N GLU A 102 17.72 18.32 -3.41
CA GLU A 102 18.91 17.89 -2.70
C GLU A 102 19.33 16.48 -3.15
N PHE A 103 18.36 15.58 -3.34
CA PHE A 103 18.70 14.25 -3.88
C PHE A 103 19.44 14.37 -5.21
N ALA A 104 18.93 15.25 -6.07
CA ALA A 104 19.48 15.41 -7.42
C ALA A 104 20.93 15.88 -7.35
N ARG A 105 21.21 16.83 -6.46
CA ARG A 105 22.57 17.37 -6.32
C ARG A 105 23.53 16.29 -5.87
N GLN A 106 23.07 15.45 -4.94
CA GLN A 106 23.90 14.34 -4.45
C GLN A 106 24.09 13.26 -5.51
N ILE A 107 23.06 13.00 -6.31
CA ILE A 107 23.18 12.04 -7.38
C ILE A 107 24.19 12.52 -8.43
N GLY A 108 24.06 13.78 -8.83
CA GLY A 108 24.99 14.39 -9.80
C GLY A 108 24.57 14.15 -11.23
N GLU A 109 25.01 14.99 -12.14
CA GLU A 109 24.50 14.91 -13.50
C GLU A 109 24.97 13.64 -14.22
N ALA A 110 26.19 13.19 -13.94
CA ALA A 110 26.72 12.02 -14.62
C ALA A 110 25.91 10.77 -14.32
N ARG A 111 25.66 10.51 -13.04
CA ARG A 111 24.90 9.33 -12.63
C ARG A 111 23.43 9.48 -13.00
N MET A 112 22.89 10.69 -12.88
CA MET A 112 21.49 10.92 -13.26
C MET A 112 21.28 10.57 -14.73
N SER A 113 22.16 11.08 -15.60
CA SER A 113 22.04 10.84 -17.03
C SER A 113 22.15 9.36 -17.38
N LYS A 114 23.12 8.68 -16.77
CA LYS A 114 23.34 7.26 -17.00
C LYS A 114 22.10 6.44 -16.59
N MET A 115 21.52 6.79 -15.46
CA MET A 115 20.38 6.05 -14.97
C MET A 115 19.12 6.23 -15.81
N LEU A 116 18.89 7.45 -16.29
CA LEU A 116 17.71 7.69 -17.11
C LEU A 116 17.86 6.97 -18.45
N HIS A 117 19.09 6.87 -18.96
CA HIS A 117 19.30 6.09 -20.17
C HIS A 117 19.00 4.61 -19.91
N ALA A 118 19.45 4.10 -18.77
CA ALA A 118 19.18 2.72 -18.41
C ALA A 118 17.68 2.45 -18.24
N PHE A 119 16.96 3.46 -17.76
CA PHE A 119 15.51 3.39 -17.58
C PHE A 119 14.73 3.56 -18.88
N ASP A 120 15.41 3.93 -19.96
CA ASP A 120 14.75 4.29 -21.23
C ASP A 120 13.68 5.36 -20.98
N TYR A 121 14.00 6.34 -20.13
CA TYR A 121 13.00 7.29 -19.62
C TYR A 121 12.84 8.54 -20.48
N GLY A 122 11.71 8.65 -21.17
CA GLY A 122 11.43 9.87 -21.92
C GLY A 122 12.53 10.14 -22.93
N ASN A 123 12.88 11.40 -23.09
CA ASN A 123 13.91 11.75 -24.08
C ASN A 123 15.32 11.66 -23.49
N GLU A 124 15.39 11.28 -22.21
CA GLU A 124 16.65 10.97 -21.52
C GLU A 124 17.58 12.18 -21.40
N ASP A 125 17.01 13.38 -21.52
CA ASP A 125 17.78 14.62 -21.65
C ASP A 125 17.70 15.44 -20.36
N ILE A 126 18.80 15.55 -19.63
CA ILE A 126 18.76 16.30 -18.37
C ILE A 126 19.36 17.71 -18.47
N SER A 127 19.44 18.24 -19.70
CA SER A 127 20.02 19.56 -19.90
C SER A 127 19.31 20.58 -19.00
N GLY A 128 20.10 21.49 -18.43
CA GLY A 128 19.59 22.46 -17.49
C GLY A 128 20.25 22.27 -16.13
N ASN A 129 19.71 22.89 -15.11
CA ASN A 129 20.22 22.74 -13.75
C ASN A 129 19.99 21.32 -13.27
N VAL A 130 21.01 20.71 -12.65
CA VAL A 130 20.91 19.32 -12.23
C VAL A 130 19.80 19.17 -11.19
N ASP A 131 19.46 20.27 -10.52
CA ASP A 131 18.43 20.20 -9.48
C ASP A 131 17.11 20.86 -9.89
N SER A 132 16.88 21.03 -11.20
CA SER A 132 15.56 21.51 -11.62
C SER A 132 15.19 21.17 -13.06
N PHE A 133 15.97 20.31 -13.72
CA PHE A 133 15.76 20.05 -15.14
C PHE A 133 14.38 19.42 -15.43
N TRP A 134 13.79 18.77 -14.44
CA TRP A 134 12.49 18.14 -14.63
C TRP A 134 11.35 19.15 -14.49
N LEU A 135 11.72 20.37 -14.07
CA LEU A 135 10.78 21.47 -13.93
C LEU A 135 10.97 22.55 -15.00
N ASP A 136 12.21 22.77 -15.42
CA ASP A 136 12.46 23.83 -16.41
C ASP A 136 13.64 23.55 -17.34
N GLY A 137 14.08 22.31 -17.40
CA GLY A 137 15.16 21.89 -18.29
C GLY A 137 14.70 21.18 -19.55
N GLY A 138 15.52 20.28 -20.05
CA GLY A 138 15.29 19.68 -21.35
C GLY A 138 14.52 18.36 -21.37
N ILE A 139 14.28 17.78 -20.21
CA ILE A 139 13.65 16.45 -20.17
C ILE A 139 12.18 16.53 -20.56
N ARG A 140 11.74 15.54 -21.34
CA ARG A 140 10.37 15.49 -21.83
C ARG A 140 9.90 14.04 -21.83
N ILE A 141 8.61 13.83 -21.58
CA ILE A 141 8.08 12.48 -21.61
C ILE A 141 6.59 12.53 -21.99
N SER A 142 6.14 11.56 -22.77
CA SER A 142 4.73 11.50 -23.16
C SER A 142 3.95 10.58 -22.23
N ALA A 143 2.63 10.61 -22.33
CA ALA A 143 1.80 9.73 -21.51
C ALA A 143 2.08 8.26 -21.81
N THR A 144 2.26 7.92 -23.09
CA THR A 144 2.51 6.52 -23.41
C THR A 144 3.89 6.09 -22.93
N GLU A 145 4.85 7.02 -22.94
CA GLU A 145 6.18 6.74 -22.42
C GLU A 145 6.18 6.58 -20.91
N GLN A 146 5.31 7.34 -20.22
CA GLN A 146 5.11 7.15 -18.78
C GLN A 146 4.65 5.72 -18.52
N ILE A 147 3.70 5.25 -19.32
CA ILE A 147 3.17 3.91 -19.11
C ILE A 147 4.23 2.86 -19.34
N SER A 148 5.06 3.03 -20.38
CA SER A 148 6.13 2.06 -20.64
C SER A 148 7.08 1.93 -19.44
N PHE A 149 7.44 3.07 -18.89
CA PHE A 149 8.31 3.14 -17.71
C PHE A 149 7.67 2.49 -16.48
N LEU A 150 6.41 2.83 -16.23
CA LEU A 150 5.68 2.29 -15.08
C LEU A 150 5.50 0.76 -15.17
N ARG A 151 5.33 0.23 -16.37
CA ARG A 151 5.17 -1.22 -16.52
C ARG A 151 6.45 -1.94 -16.07
N LYS A 152 7.61 -1.37 -16.40
CA LYS A 152 8.88 -1.94 -15.97
C LYS A 152 8.99 -1.93 -14.45
N LEU A 153 8.62 -0.80 -13.83
CA LEU A 153 8.65 -0.70 -12.37
C LEU A 153 7.72 -1.71 -11.71
N TYR A 154 6.52 -1.84 -12.23
CA TYR A 154 5.56 -2.79 -11.66
C TYR A 154 6.14 -4.21 -11.64
N HIS A 155 6.84 -4.55 -12.71
CA HIS A 155 7.39 -5.90 -12.85
C HIS A 155 8.81 -6.08 -12.30
N ASN A 156 9.31 -5.06 -11.61
CA ASN A 156 10.66 -5.06 -11.05
C ASN A 156 11.73 -5.27 -12.12
N LYS A 157 11.50 -4.71 -13.30
CA LYS A 157 12.40 -4.94 -14.43
C LYS A 157 13.37 -3.79 -14.70
N LEU A 158 13.29 -2.72 -13.90
CA LEU A 158 14.24 -1.62 -14.07
C LEU A 158 15.61 -2.02 -13.54
N HIS A 159 16.65 -1.33 -14.00
CA HIS A 159 18.01 -1.70 -13.64
C HIS A 159 18.43 -1.00 -12.35
N VAL A 160 17.63 -1.22 -11.32
CA VAL A 160 18.00 -0.93 -9.94
C VAL A 160 17.57 -2.17 -9.15
N SER A 161 17.91 -2.23 -7.87
CA SER A 161 17.61 -3.43 -7.10
C SER A 161 16.11 -3.64 -6.92
N GLU A 162 15.73 -4.87 -6.64
CA GLU A 162 14.34 -5.19 -6.32
C GLU A 162 13.87 -4.37 -5.13
N ARG A 163 14.72 -4.23 -4.12
CA ARG A 163 14.37 -3.46 -2.94
C ARG A 163 14.04 -2.00 -3.26
N SER A 164 14.86 -1.35 -4.09
CA SER A 164 14.60 0.03 -4.47
C SER A 164 13.24 0.14 -5.13
N GLN A 165 12.93 -0.82 -5.99
CA GLN A 165 11.66 -0.77 -6.71
C GLN A 165 10.48 -1.02 -5.76
N ARG A 166 10.65 -1.92 -4.80
CA ARG A 166 9.59 -2.19 -3.84
C ARG A 166 9.34 -0.96 -2.97
N ILE A 167 10.40 -0.29 -2.54
CA ILE A 167 10.23 0.89 -1.69
C ILE A 167 9.52 2.02 -2.44
N VAL A 168 9.89 2.26 -3.70
CA VAL A 168 9.23 3.33 -4.45
C VAL A 168 7.76 3.01 -4.71
N LYS A 169 7.44 1.73 -4.94
CA LYS A 169 6.04 1.37 -5.17
C LYS A 169 5.23 1.54 -3.87
N GLN A 170 5.87 1.29 -2.73
CA GLN A 170 5.22 1.58 -1.43
C GLN A 170 4.96 3.09 -1.29
N ALA A 171 5.96 3.90 -1.62
CA ALA A 171 5.85 5.34 -1.52
C ALA A 171 4.81 5.91 -2.50
N MET A 172 4.54 5.17 -3.58
CA MET A 172 3.54 5.63 -4.55
C MET A 172 2.11 5.36 -4.09
N LEU A 173 1.93 4.61 -3.00
CA LEU A 173 0.57 4.25 -2.56
C LEU A 173 -0.27 5.51 -2.40
N THR A 174 -1.43 5.55 -3.06
CA THR A 174 -2.26 6.76 -3.05
C THR A 174 -3.67 6.50 -2.50
N GLU A 175 -4.25 5.37 -2.89
CA GLU A 175 -5.58 5.03 -2.42
C GLU A 175 -5.75 3.52 -2.44
N ALA A 176 -6.51 2.98 -1.49
CA ALA A 176 -6.76 1.55 -1.47
C ALA A 176 -8.03 1.25 -0.72
N ASN A 177 -8.72 0.21 -1.17
CA ASN A 177 -9.92 -0.24 -0.48
C ASN A 177 -10.21 -1.67 -0.96
N GLY A 178 -11.41 -2.17 -0.67
CA GLY A 178 -11.72 -3.53 -1.04
C GLY A 178 -11.92 -3.79 -2.52
N ASP A 179 -11.93 -2.72 -3.32
CA ASP A 179 -12.16 -2.82 -4.75
C ASP A 179 -10.90 -2.65 -5.59
N TYR A 180 -9.96 -1.83 -5.12
CA TYR A 180 -8.78 -1.51 -5.92
C TYR A 180 -7.68 -0.88 -5.08
N ILE A 181 -6.47 -0.86 -5.64
CA ILE A 181 -5.32 -0.17 -5.07
C ILE A 181 -4.78 0.75 -6.16
N ILE A 182 -4.60 2.04 -5.83
CA ILE A 182 -3.96 2.95 -6.77
C ILE A 182 -2.57 3.36 -6.26
N ARG A 183 -1.57 3.12 -7.09
CA ARG A 183 -0.21 3.58 -6.86
C ARG A 183 0.07 4.61 -7.95
N ALA A 184 0.42 5.83 -7.57
CA ALA A 184 0.50 6.91 -8.56
C ALA A 184 1.33 8.09 -8.08
N LYS A 185 1.59 9.02 -9.00
CA LYS A 185 2.30 10.26 -8.67
C LYS A 185 1.68 11.41 -9.44
N THR A 186 1.34 12.49 -8.73
CA THR A 186 0.89 13.73 -9.37
C THR A 186 2.04 14.59 -9.87
N GLY A 187 1.74 15.47 -10.83
CA GLY A 187 2.70 16.45 -11.28
C GLY A 187 2.02 17.73 -11.70
N TYR A 188 2.74 18.84 -11.61
CA TYR A 188 2.22 20.15 -11.99
C TYR A 188 3.35 20.98 -12.58
N SER A 189 3.33 21.15 -13.90
CA SER A 189 4.38 21.87 -14.60
C SER A 189 3.95 23.32 -14.84
N THR A 190 4.62 24.25 -14.16
CA THR A 190 4.20 25.65 -14.15
C THR A 190 5.26 26.60 -14.68
N ARG A 191 6.49 26.13 -14.82
CA ARG A 191 7.62 27.04 -15.10
C ARG A 191 7.71 27.39 -16.58
N ILE A 192 7.40 26.41 -17.42
CA ILE A 192 7.47 26.56 -18.86
C ILE A 192 6.11 26.24 -19.46
N GLU A 193 5.66 27.07 -20.38
CA GLU A 193 4.40 26.82 -21.08
C GLU A 193 4.49 25.57 -21.97
N PRO A 194 3.37 24.85 -22.15
CA PRO A 194 2.06 25.09 -21.55
C PRO A 194 1.97 24.55 -20.13
N LYS A 195 1.31 25.27 -19.23
CA LYS A 195 1.13 24.77 -17.87
C LYS A 195 0.21 23.56 -17.91
N ILE A 196 0.63 22.45 -17.29
CA ILE A 196 -0.18 21.24 -17.33
C ILE A 196 -0.12 20.48 -16.02
N GLY A 197 -1.10 19.66 -15.81
CA GLY A 197 -1.15 18.80 -14.67
C GLY A 197 -1.01 17.34 -15.15
N TRP A 198 -0.41 16.52 -14.30
CA TRP A 198 -0.23 15.10 -14.58
C TRP A 198 -0.75 14.21 -13.44
N TRP A 199 -1.13 13.00 -13.82
CA TRP A 199 -1.39 11.94 -12.86
C TRP A 199 -0.97 10.64 -13.58
N VAL A 200 0.03 9.93 -13.07
CA VAL A 200 0.45 8.68 -13.71
C VAL A 200 0.57 7.58 -12.67
N GLY A 201 0.26 6.33 -13.05
CA GLY A 201 0.38 5.25 -12.09
C GLY A 201 -0.34 4.01 -12.58
N TRP A 202 -0.92 3.26 -11.65
CA TRP A 202 -1.72 2.12 -12.03
C TRP A 202 -2.76 1.76 -10.98
N VAL A 203 -3.73 0.97 -11.43
CA VAL A 203 -4.80 0.47 -10.58
C VAL A 203 -4.63 -1.02 -10.50
N GLU A 204 -4.40 -1.54 -9.29
CA GLU A 204 -4.32 -2.97 -9.06
C GLU A 204 -5.68 -3.55 -8.74
N LEU A 205 -6.09 -4.54 -9.52
CA LEU A 205 -7.30 -5.30 -9.24
C LEU A 205 -6.90 -6.70 -8.79
N ASP A 206 -7.88 -7.50 -8.35
CA ASP A 206 -7.60 -8.88 -7.96
C ASP A 206 -6.90 -9.65 -9.07
N ASP A 207 -7.34 -9.46 -10.30
CA ASP A 207 -6.90 -10.32 -11.39
C ASP A 207 -6.35 -9.60 -12.61
N ASN A 208 -6.07 -8.31 -12.47
CA ASN A 208 -5.51 -7.54 -13.58
C ASN A 208 -4.89 -6.26 -13.04
N VAL A 209 -4.10 -5.57 -13.85
CA VAL A 209 -3.63 -4.24 -13.50
C VAL A 209 -3.87 -3.33 -14.69
N TRP A 210 -4.37 -2.15 -14.40
CA TRP A 210 -4.58 -1.12 -15.42
C TRP A 210 -3.61 0.03 -15.21
N PHE A 211 -2.69 0.21 -16.14
CA PHE A 211 -1.78 1.34 -16.05
C PHE A 211 -2.47 2.58 -16.59
N PHE A 212 -2.15 3.74 -16.03
CA PHE A 212 -2.69 4.98 -16.58
C PHE A 212 -1.70 6.13 -16.57
N ALA A 213 -1.90 7.06 -17.50
CA ALA A 213 -1.18 8.32 -17.50
C ALA A 213 -2.09 9.36 -18.10
N MET A 214 -2.26 10.47 -17.39
CA MET A 214 -3.09 11.55 -17.88
C MET A 214 -2.34 12.86 -17.75
N ASN A 215 -2.57 13.76 -18.70
CA ASN A 215 -2.17 15.14 -18.46
C ASN A 215 -3.24 16.07 -19.01
N MET A 216 -3.31 17.29 -18.48
CA MET A 216 -4.35 18.24 -18.87
C MET A 216 -3.84 19.66 -18.76
N ASP A 217 -4.43 20.59 -19.53
CA ASP A 217 -4.04 21.98 -19.41
C ASP A 217 -4.43 22.48 -18.04
N MET A 218 -3.55 23.27 -17.42
CA MET A 218 -3.73 23.71 -16.05
C MET A 218 -3.30 25.16 -15.88
N PRO A 219 -4.10 26.10 -16.41
CA PRO A 219 -3.75 27.51 -16.38
C PRO A 219 -3.64 28.08 -14.96
N THR A 220 -4.43 27.56 -14.02
CA THR A 220 -4.32 27.95 -12.61
C THR A 220 -4.37 26.72 -11.73
N SER A 221 -3.88 26.87 -10.50
CA SER A 221 -3.87 25.76 -9.54
C SER A 221 -5.28 25.37 -9.08
N ASP A 222 -6.27 26.17 -9.46
CA ASP A 222 -7.67 25.93 -9.12
C ASP A 222 -8.19 24.56 -9.55
N GLY A 223 -7.67 24.06 -10.66
CA GLY A 223 -8.19 22.84 -11.23
C GLY A 223 -7.37 21.61 -10.94
N LEU A 224 -6.44 21.67 -9.99
CA LEU A 224 -5.55 20.53 -9.76
C LEU A 224 -6.29 19.24 -9.38
N GLY A 225 -7.39 19.36 -8.64
CA GLY A 225 -8.16 18.19 -8.27
C GLY A 225 -8.78 17.46 -9.45
N LEU A 226 -8.85 18.13 -10.59
CA LEU A 226 -9.43 17.52 -11.78
C LEU A 226 -8.57 16.40 -12.32
N ARG A 227 -7.28 16.42 -12.02
CA ARG A 227 -6.38 15.35 -12.45
C ARG A 227 -6.89 13.98 -12.01
N GLN A 228 -7.16 13.85 -10.71
CA GLN A 228 -7.69 12.61 -10.20
C GLN A 228 -9.17 12.45 -10.56
N ALA A 229 -9.96 13.53 -10.50
CA ALA A 229 -11.39 13.41 -10.71
C ALA A 229 -11.74 12.91 -12.12
N ILE A 230 -11.09 13.48 -13.13
CA ILE A 230 -11.36 13.10 -14.51
C ILE A 230 -10.86 11.68 -14.76
N THR A 231 -9.69 11.33 -14.24
CA THR A 231 -9.19 9.97 -14.38
C THR A 231 -10.16 8.95 -13.78
N LYS A 232 -10.66 9.24 -12.59
CA LYS A 232 -11.59 8.33 -11.95
C LYS A 232 -12.92 8.22 -12.71
N GLU A 233 -13.36 9.29 -13.34
CA GLU A 233 -14.56 9.21 -14.18
C GLU A 233 -14.34 8.26 -15.36
N VAL A 234 -13.17 8.33 -15.98
CA VAL A 234 -12.82 7.40 -17.05
C VAL A 234 -12.76 5.97 -16.51
N LEU A 235 -12.07 5.76 -15.39
CA LEU A 235 -12.03 4.43 -14.78
C LEU A 235 -13.43 3.88 -14.48
N LYS A 236 -14.33 4.74 -13.99
CA LYS A 236 -15.70 4.33 -13.70
C LYS A 236 -16.44 3.98 -14.98
N GLN A 237 -16.26 4.80 -16.01
CA GLN A 237 -16.93 4.55 -17.29
C GLN A 237 -16.53 3.20 -17.86
N GLU A 238 -15.27 2.83 -17.72
CA GLU A 238 -14.73 1.59 -18.28
C GLU A 238 -14.90 0.39 -17.34
N LYS A 239 -15.62 0.61 -16.23
CA LYS A 239 -15.96 -0.42 -15.24
C LYS A 239 -14.75 -1.00 -14.55
N ILE A 240 -13.67 -0.22 -14.48
CA ILE A 240 -12.45 -0.66 -13.81
C ILE A 240 -12.60 -0.50 -12.30
N ILE A 241 -13.26 0.58 -11.89
CA ILE A 241 -13.61 0.80 -10.50
C ILE A 241 -15.10 1.06 -10.42
N PRO A 242 -15.73 0.76 -9.26
CA PRO A 242 -17.16 1.02 -9.10
C PRO A 242 -17.50 2.49 -9.08
N TRP B 2 0.10 1.81 30.30
CA TRP B 2 -1.25 1.55 29.78
C TRP B 2 -2.32 2.39 30.46
N GLN B 3 -3.24 2.90 29.65
CA GLN B 3 -4.35 3.69 30.13
C GLN B 3 -5.66 3.04 29.71
N GLU B 4 -6.61 2.93 30.63
CA GLU B 4 -7.89 2.34 30.33
C GLU B 4 -8.93 3.42 30.06
N ASN B 5 -9.62 3.30 28.94
CA ASN B 5 -10.69 4.23 28.58
C ASN B 5 -11.97 3.44 28.37
N LYS B 6 -12.77 3.30 29.43
CA LYS B 6 -13.95 2.46 29.34
C LYS B 6 -15.07 3.09 28.51
N SER B 7 -14.94 4.38 28.20
CA SER B 7 -15.95 5.05 27.39
C SER B 7 -16.05 4.44 25.99
N TRP B 8 -14.99 3.75 25.55
CA TRP B 8 -15.05 3.06 24.26
C TRP B 8 -16.08 1.95 24.26
N ASN B 9 -16.46 1.46 25.44
CA ASN B 9 -17.44 0.39 25.53
C ASN B 9 -18.77 0.79 24.90
N ALA B 10 -19.04 2.09 24.83
CA ALA B 10 -20.25 2.58 24.18
C ALA B 10 -20.32 2.15 22.71
N HIS B 11 -19.16 2.02 22.08
CA HIS B 11 -19.12 1.61 20.69
C HIS B 11 -19.45 0.13 20.53
N PHE B 12 -19.21 -0.66 21.57
CA PHE B 12 -19.58 -2.07 21.56
C PHE B 12 -21.07 -2.24 21.88
N THR B 13 -21.55 -1.52 22.89
CA THR B 13 -22.92 -1.70 23.35
C THR B 13 -23.92 -1.15 22.33
N GLU B 14 -23.49 -0.21 21.50
CA GLU B 14 -24.32 0.31 20.41
C GLU B 14 -24.79 -0.83 19.50
N HIS B 15 -23.97 -1.88 19.39
CA HIS B 15 -24.31 -3.02 18.54
C HIS B 15 -24.55 -4.28 19.33
N LYS B 16 -24.86 -4.10 20.63
CA LYS B 16 -25.16 -5.20 21.54
C LYS B 16 -24.05 -6.24 21.52
N SER B 17 -22.81 -5.76 21.55
CA SER B 17 -21.66 -6.63 21.46
C SER B 17 -20.71 -6.32 22.59
N GLN B 18 -19.66 -7.13 22.72
CA GLN B 18 -18.60 -6.77 23.64
C GLN B 18 -17.26 -7.30 23.14
N GLY B 19 -16.20 -6.66 23.60
CA GLY B 19 -14.88 -7.00 23.12
C GLY B 19 -13.87 -5.99 23.60
N VAL B 20 -12.72 -5.98 22.96
CA VAL B 20 -11.63 -5.09 23.37
C VAL B 20 -11.01 -4.48 22.12
N VAL B 21 -10.66 -3.21 22.22
CA VAL B 21 -9.75 -2.58 21.26
C VAL B 21 -8.51 -2.16 22.03
N VAL B 22 -7.35 -2.45 21.46
CA VAL B 22 -6.09 -2.04 22.04
C VAL B 22 -5.34 -1.18 21.04
N LEU B 23 -4.91 0.01 21.48
CA LEU B 23 -4.14 0.93 20.64
C LEU B 23 -2.75 1.15 21.22
N TRP B 24 -1.76 1.27 20.34
CA TRP B 24 -0.42 1.63 20.76
C TRP B 24 0.11 2.81 19.95
N ASN B 25 0.40 3.91 20.65
CA ASN B 25 0.97 5.11 20.05
C ASN B 25 2.47 4.91 19.97
N GLU B 26 3.00 4.74 18.76
CA GLU B 26 4.40 4.37 18.64
C GLU B 26 5.35 5.49 19.04
N ASN B 27 5.04 6.73 18.66
CA ASN B 27 5.92 7.85 18.99
C ASN B 27 6.04 8.01 20.49
N LYS B 28 4.92 7.89 21.17
CA LYS B 28 4.89 8.16 22.61
C LYS B 28 5.10 6.91 23.46
N GLN B 29 5.13 5.74 22.83
CA GLN B 29 5.28 4.48 23.54
C GLN B 29 4.26 4.37 24.67
N GLN B 30 3.00 4.62 24.31
CA GLN B 30 1.88 4.60 25.25
C GLN B 30 0.75 3.78 24.69
N GLY B 31 0.12 2.97 25.55
CA GLY B 31 -0.98 2.13 25.12
C GLY B 31 -2.32 2.56 25.69
N PHE B 32 -3.39 2.22 24.98
CA PHE B 32 -4.74 2.57 25.42
C PHE B 32 -5.69 1.40 25.16
N THR B 33 -6.62 1.13 26.08
CA THR B 33 -7.60 0.07 25.82
C THR B 33 -8.87 0.30 26.64
N ASN B 34 -9.99 -0.26 26.18
CA ASN B 34 -11.23 -0.17 26.96
C ASN B 34 -11.29 -1.21 28.05
N ASN B 35 -10.44 -2.24 27.99
CA ASN B 35 -10.56 -3.38 28.87
C ASN B 35 -9.19 -4.01 29.05
N LEU B 36 -8.47 -3.59 30.09
CA LEU B 36 -7.09 -4.04 30.32
C LEU B 36 -7.01 -5.55 30.45
N LYS B 37 -7.98 -6.16 31.11
CA LYS B 37 -7.92 -7.60 31.30
C LYS B 37 -8.18 -8.38 30.02
N ARG B 38 -9.19 -7.99 29.25
CA ARG B 38 -9.43 -8.68 27.98
C ARG B 38 -8.30 -8.39 27.00
N ALA B 39 -7.64 -7.25 27.15
CA ALA B 39 -6.52 -6.89 26.28
C ALA B 39 -5.43 -7.95 26.36
N ASN B 40 -5.32 -8.58 27.54
CA ASN B 40 -4.30 -9.58 27.78
C ASN B 40 -4.82 -11.01 27.75
N GLN B 41 -6.09 -11.17 27.38
CA GLN B 41 -6.67 -12.49 27.26
C GLN B 41 -6.29 -13.15 25.95
N ALA B 42 -5.77 -14.38 26.03
CA ALA B 42 -5.28 -15.04 24.82
C ALA B 42 -6.31 -15.97 24.18
N PHE B 43 -6.46 -15.83 22.87
CA PHE B 43 -7.40 -16.60 22.06
C PHE B 43 -6.69 -17.30 20.89
N LEU B 44 -7.37 -18.24 20.25
CA LEU B 44 -6.92 -18.70 18.93
C LEU B 44 -6.78 -17.50 17.99
N PRO B 45 -5.68 -17.46 17.22
CA PRO B 45 -5.49 -16.32 16.30
C PRO B 45 -6.35 -16.42 15.06
N ALA B 46 -6.84 -17.62 14.75
CA ALA B 46 -7.58 -17.84 13.50
C ALA B 46 -6.83 -17.23 12.32
N SER B 47 -7.52 -16.56 11.40
CA SER B 47 -6.84 -16.10 10.18
C SER B 47 -5.85 -14.93 10.39
N THR B 48 -5.75 -14.38 11.60
CA THR B 48 -4.67 -13.41 11.83
C THR B 48 -3.34 -14.14 11.79
N PHE B 49 -3.37 -15.46 11.91
CA PHE B 49 -2.16 -16.26 11.79
C PHE B 49 -1.58 -16.23 10.38
N ILE B 51 -0.54 -13.75 8.96
CA ILE B 51 0.63 -12.86 8.94
C ILE B 51 1.93 -13.65 9.21
N PRO B 52 2.04 -14.34 10.37
CA PRO B 52 3.28 -15.10 10.53
C PRO B 52 3.44 -16.24 9.52
N ASN B 53 2.33 -16.89 9.15
CA ASN B 53 2.40 -17.98 8.18
C ASN B 53 2.96 -17.50 6.84
N SER B 54 2.53 -16.33 6.38
CA SER B 54 3.07 -15.74 5.15
C SER B 54 4.55 -15.49 5.25
N LEU B 55 4.97 -14.91 6.38
CA LEU B 55 6.37 -14.58 6.59
C LEU B 55 7.23 -15.82 6.48
N ILE B 56 6.80 -16.89 7.13
CA ILE B 56 7.56 -18.13 7.17
C ILE B 56 7.61 -18.75 5.78
N ALA B 57 6.46 -18.81 5.12
CA ALA B 57 6.36 -19.38 3.77
C ALA B 57 7.28 -18.65 2.80
N LEU B 58 7.31 -17.33 2.86
CA LEU B 58 8.18 -16.55 1.99
C LEU B 58 9.65 -16.77 2.31
N ASP B 59 10.00 -16.81 3.61
CA ASP B 59 11.41 -16.86 3.94
C ASP B 59 12.00 -18.23 3.59
N LEU B 60 11.16 -19.26 3.54
CA LEU B 60 11.61 -20.61 3.22
C LEU B 60 11.49 -20.93 1.73
N GLY B 61 10.91 -20.00 0.97
CA GLY B 61 10.73 -20.22 -0.45
C GLY B 61 9.51 -21.05 -0.84
N VAL B 62 8.67 -21.38 0.13
CA VAL B 62 7.41 -22.05 -0.14
C VAL B 62 6.55 -21.15 -1.04
N VAL B 63 6.63 -19.85 -0.77
CA VAL B 63 6.08 -18.82 -1.65
C VAL B 63 7.23 -18.04 -2.25
N LYS B 64 7.30 -18.00 -3.58
CA LYS B 64 8.39 -17.31 -4.27
C LYS B 64 8.24 -15.80 -4.21
N ASP B 65 7.04 -15.33 -4.54
CA ASP B 65 6.75 -13.90 -4.47
C ASP B 65 5.24 -13.71 -4.42
N GLU B 66 4.80 -12.46 -4.42
CA GLU B 66 3.39 -12.16 -4.28
C GLU B 66 2.57 -12.42 -5.55
N HIS B 67 3.23 -12.82 -6.63
CA HIS B 67 2.58 -13.11 -7.92
C HIS B 67 2.34 -14.59 -8.16
N GLN B 68 3.07 -15.44 -7.44
CA GLN B 68 2.94 -16.90 -7.65
C GLN B 68 1.50 -17.33 -7.46
N VAL B 69 1.00 -18.16 -8.38
CA VAL B 69 -0.40 -18.55 -8.31
C VAL B 69 -0.57 -19.94 -7.70
N PHE B 70 -1.47 -20.04 -6.74
CA PHE B 70 -1.81 -21.30 -6.11
C PHE B 70 -3.18 -21.71 -6.62
N LYS B 71 -3.20 -22.72 -7.48
CA LYS B 71 -4.44 -23.11 -8.15
C LYS B 71 -5.41 -23.80 -7.19
N TRP B 72 -6.69 -23.51 -7.38
CA TRP B 72 -7.77 -24.14 -6.65
C TRP B 72 -7.71 -25.65 -6.81
N ASP B 73 -7.91 -26.38 -5.71
CA ASP B 73 -7.84 -27.85 -5.77
C ASP B 73 -9.13 -28.46 -6.32
N GLY B 74 -10.11 -27.61 -6.61
CA GLY B 74 -11.36 -28.08 -7.19
C GLY B 74 -12.42 -28.50 -6.19
N GLN B 75 -12.12 -28.35 -4.90
CA GLN B 75 -13.12 -28.64 -3.87
C GLN B 75 -13.97 -27.40 -3.59
N THR B 76 -15.28 -27.52 -3.76
CA THR B 76 -16.16 -26.37 -3.57
C THR B 76 -16.42 -26.16 -2.08
N ARG B 77 -15.89 -25.06 -1.57
CA ARG B 77 -16.02 -24.75 -0.15
C ARG B 77 -17.08 -23.66 0.06
N ASP B 78 -17.48 -23.46 1.31
CA ASP B 78 -18.61 -22.59 1.66
C ASP B 78 -18.43 -21.13 1.26
N ILE B 79 -17.19 -20.64 1.35
CA ILE B 79 -16.92 -19.26 0.99
C ILE B 79 -16.48 -19.21 -0.47
N ALA B 80 -17.32 -18.58 -1.29
CA ALA B 80 -17.18 -18.67 -2.74
C ALA B 80 -15.85 -18.14 -3.25
N THR B 81 -15.34 -17.09 -2.61
CA THR B 81 -14.09 -16.49 -3.07
C THR B 81 -12.89 -17.43 -2.90
N TRP B 82 -13.07 -18.50 -2.14
CA TRP B 82 -12.01 -19.49 -1.98
C TRP B 82 -11.93 -20.45 -3.17
N ASN B 83 -12.99 -20.49 -3.97
CA ASN B 83 -13.07 -21.49 -5.04
C ASN B 83 -12.55 -20.96 -6.37
N ARG B 84 -11.29 -20.56 -6.35
CA ARG B 84 -10.62 -19.97 -7.50
C ARG B 84 -9.12 -19.96 -7.22
N ASP B 85 -8.32 -19.62 -8.23
CA ASP B 85 -6.89 -19.48 -8.05
C ASP B 85 -6.58 -18.22 -7.25
N HIS B 86 -5.48 -18.25 -6.50
CA HIS B 86 -5.08 -17.12 -5.66
C HIS B 86 -3.57 -16.90 -5.70
N ASN B 87 -3.17 -15.66 -5.44
CA ASN B 87 -1.78 -15.37 -5.12
C ASN B 87 -1.73 -14.90 -3.66
N LEU B 88 -0.56 -14.50 -3.18
CA LEU B 88 -0.46 -14.12 -1.76
C LEU B 88 -1.35 -12.93 -1.44
N ILE B 89 -1.45 -11.97 -2.36
CA ILE B 89 -2.25 -10.78 -2.14
C ILE B 89 -3.73 -11.13 -1.95
N THR B 90 -4.28 -11.92 -2.88
CA THR B 90 -5.70 -12.22 -2.80
C THR B 90 -6.01 -13.28 -1.74
N ALA B 91 -5.05 -14.18 -1.49
CA ALA B 91 -5.25 -15.21 -0.47
C ALA B 91 -5.39 -14.54 0.89
N MET B 92 -4.65 -13.47 1.11
CA MET B 92 -4.74 -12.75 2.40
C MET B 92 -6.03 -11.92 2.45
N LYS B 93 -6.33 -11.21 1.36
CA LYS B 93 -7.55 -10.42 1.25
C LYS B 93 -8.81 -11.23 1.59
N TYR B 94 -8.88 -12.44 1.06
CA TYR B 94 -10.11 -13.24 1.21
C TYR B 94 -9.97 -14.33 2.26
N SER B 95 -8.88 -14.29 3.02
CA SER B 95 -8.60 -15.25 4.11
C SER B 95 -8.77 -16.68 3.66
N VAL B 96 -8.05 -17.04 2.60
CA VAL B 96 -8.25 -18.32 1.94
C VAL B 96 -7.49 -19.44 2.66
N VAL B 97 -8.14 -20.00 3.67
CA VAL B 97 -7.55 -21.04 4.51
C VAL B 97 -6.86 -22.20 3.76
N PRO B 98 -7.51 -22.79 2.71
CA PRO B 98 -6.84 -23.95 2.12
C PRO B 98 -5.48 -23.64 1.46
N VAL B 99 -5.30 -22.43 0.95
CA VAL B 99 -4.00 -22.04 0.43
C VAL B 99 -2.95 -22.07 1.56
N TYR B 100 -3.32 -21.54 2.72
CA TYR B 100 -2.38 -21.46 3.82
C TYR B 100 -2.19 -22.80 4.52
N GLN B 101 -3.19 -23.66 4.43
CA GLN B 101 -3.05 -25.02 4.95
C GLN B 101 -1.99 -25.77 4.16
N GLU B 102 -1.99 -25.60 2.85
CA GLU B 102 -0.95 -26.22 2.04
C GLU B 102 0.42 -25.63 2.39
N PHE B 103 0.51 -24.31 2.59
CA PHE B 103 1.75 -23.69 3.06
C PHE B 103 2.27 -24.36 4.34
N ALA B 104 1.37 -24.52 5.29
CA ALA B 104 1.73 -25.07 6.60
C ALA B 104 2.29 -26.48 6.46
N ARG B 105 1.68 -27.26 5.56
CA ARG B 105 2.14 -28.63 5.34
C ARG B 105 3.55 -28.65 4.75
N GLN B 106 3.84 -27.70 3.85
CA GLN B 106 5.15 -27.70 3.17
C GLN B 106 6.17 -27.26 4.16
N ILE B 107 5.76 -26.32 5.02
CA ILE B 107 6.63 -25.78 6.05
C ILE B 107 7.00 -26.87 7.06
N GLY B 108 5.99 -27.61 7.53
CA GLY B 108 6.19 -28.70 8.46
C GLY B 108 6.24 -28.25 9.91
N GLU B 109 5.89 -29.15 10.82
CA GLU B 109 5.80 -28.76 12.23
C GLU B 109 7.12 -28.31 12.84
N ALA B 110 8.23 -28.95 12.46
CA ALA B 110 9.53 -28.60 13.03
C ALA B 110 9.91 -27.15 12.73
N ARG B 111 9.80 -26.77 11.47
CA ARG B 111 10.18 -25.42 11.06
C ARG B 111 9.16 -24.40 11.57
N MET B 112 7.89 -24.79 11.60
CA MET B 112 6.84 -23.88 12.09
C MET B 112 7.09 -23.53 13.56
N SER B 113 7.36 -24.56 14.35
CA SER B 113 7.60 -24.36 15.78
C SER B 113 8.80 -23.46 16.04
N LYS B 114 9.88 -23.70 15.31
CA LYS B 114 11.10 -22.94 15.50
C LYS B 114 10.86 -21.46 15.18
N MET B 115 10.11 -21.22 14.12
CA MET B 115 9.86 -19.86 13.65
C MET B 115 8.99 -19.09 14.63
N LEU B 116 7.95 -19.74 15.16
CA LEU B 116 7.06 -19.06 16.09
C LEU B 116 7.81 -18.74 17.38
N HIS B 117 8.75 -19.59 17.76
CA HIS B 117 9.58 -19.26 18.91
C HIS B 117 10.48 -18.08 18.60
N ALA B 118 11.05 -18.04 17.39
CA ALA B 118 11.89 -16.93 16.99
C ALA B 118 11.08 -15.63 16.99
N PHE B 119 9.81 -15.74 16.59
CA PHE B 119 8.91 -14.58 16.53
C PHE B 119 8.41 -14.16 17.90
N ASP B 120 8.71 -14.96 18.93
CA ASP B 120 8.13 -14.74 20.26
C ASP B 120 6.59 -14.65 20.19
N TYR B 121 6.00 -15.46 19.33
CA TYR B 121 4.58 -15.31 18.97
C TYR B 121 3.62 -16.02 19.93
N GLY B 122 2.87 -15.24 20.71
CA GLY B 122 1.83 -15.78 21.56
C GLY B 122 2.42 -16.80 22.53
N ASN B 123 1.77 -17.95 22.68
CA ASN B 123 2.30 -19.00 23.57
C ASN B 123 3.20 -19.99 22.82
N GLU B 124 3.42 -19.74 21.52
CA GLU B 124 4.40 -20.48 20.71
C GLU B 124 4.10 -21.97 20.60
N ASP B 125 2.85 -22.34 20.83
CA ASP B 125 2.43 -23.73 20.91
C ASP B 125 1.70 -24.15 19.64
N ILE B 126 2.26 -25.09 18.87
CA ILE B 126 1.59 -25.49 17.62
C ILE B 126 0.89 -26.85 17.71
N SER B 127 0.66 -27.32 18.93
CA SER B 127 0.03 -28.63 19.10
C SER B 127 -1.31 -28.73 18.37
N GLY B 128 -1.54 -29.88 17.75
CA GLY B 128 -2.70 -30.10 16.92
C GLY B 128 -2.24 -30.43 15.52
N ASN B 129 -3.15 -30.38 14.56
CA ASN B 129 -2.81 -30.63 13.17
C ASN B 129 -1.94 -29.51 12.63
N VAL B 130 -0.86 -29.88 11.94
CA VAL B 130 0.08 -28.89 11.42
C VAL B 130 -0.62 -27.93 10.45
N ASP B 131 -1.72 -28.40 9.86
CA ASP B 131 -2.45 -27.57 8.90
C ASP B 131 -3.76 -26.99 9.46
N SER B 132 -3.91 -26.95 10.78
CA SER B 132 -5.10 -26.31 11.36
C SER B 132 -4.92 -25.83 12.80
N PHE B 133 -3.70 -25.87 13.34
CA PHE B 133 -3.53 -25.57 14.76
C PHE B 133 -3.93 -24.14 15.13
N TRP B 134 -3.90 -23.22 14.17
CA TRP B 134 -4.30 -21.85 14.45
C TRP B 134 -5.81 -21.69 14.43
N LEU B 135 -6.51 -22.76 14.05
CA LEU B 135 -7.97 -22.76 14.04
C LEU B 135 -8.57 -23.61 15.15
N ASP B 136 -7.92 -24.72 15.49
CA ASP B 136 -8.47 -25.61 16.50
C ASP B 136 -7.38 -26.32 17.31
N GLY B 137 -6.17 -25.77 17.30
CA GLY B 137 -5.06 -26.36 18.05
C GLY B 137 -4.72 -25.60 19.32
N GLY B 138 -3.46 -25.67 19.72
CA GLY B 138 -3.04 -25.17 21.03
C GLY B 138 -2.55 -23.74 21.06
N ILE B 139 -2.38 -23.13 19.89
CA ILE B 139 -1.81 -21.78 19.87
C ILE B 139 -2.79 -20.74 20.41
N ARG B 140 -2.28 -19.83 21.23
CA ARG B 140 -3.08 -18.76 21.84
C ARG B 140 -2.28 -17.46 21.81
N ILE B 141 -2.96 -16.36 21.50
CA ILE B 141 -2.30 -15.04 21.49
C ILE B 141 -3.29 -13.97 21.96
N SER B 142 -2.82 -13.02 22.76
CA SER B 142 -3.66 -11.90 23.22
C SER B 142 -3.54 -10.69 22.31
N ALA B 143 -4.42 -9.70 22.50
CA ALA B 143 -4.34 -8.46 21.70
C ALA B 143 -3.03 -7.72 21.93
N THR B 144 -2.56 -7.68 23.17
CA THR B 144 -1.29 -7.01 23.44
C THR B 144 -0.11 -7.76 22.83
N GLU B 145 -0.20 -9.09 22.84
CA GLU B 145 0.84 -9.90 22.21
C GLU B 145 0.83 -9.74 20.69
N GLN B 146 -0.36 -9.54 20.12
CA GLN B 146 -0.45 -9.24 18.69
C GLN B 146 0.31 -7.94 18.38
N ILE B 147 0.09 -6.92 19.20
CA ILE B 147 0.76 -5.64 18.99
C ILE B 147 2.28 -5.76 19.11
N SER B 148 2.75 -6.53 20.10
CA SER B 148 4.20 -6.78 20.23
C SER B 148 4.79 -7.35 18.95
N PHE B 149 4.12 -8.37 18.42
CA PHE B 149 4.53 -8.99 17.17
C PHE B 149 4.49 -8.05 15.96
N LEU B 150 3.39 -7.31 15.82
CA LEU B 150 3.23 -6.35 14.72
C LEU B 150 4.26 -5.23 14.74
N ARG B 151 4.64 -4.78 15.94
CA ARG B 151 5.65 -3.73 16.03
C ARG B 151 6.98 -4.21 15.44
N LYS B 152 7.36 -5.45 15.74
CA LYS B 152 8.57 -6.02 15.16
C LYS B 152 8.48 -6.06 13.64
N LEU B 153 7.32 -6.49 13.12
CA LEU B 153 7.12 -6.54 11.67
C LEU B 153 7.26 -5.17 11.03
N TYR B 154 6.62 -4.19 11.64
CA TYR B 154 6.68 -2.83 11.13
C TYR B 154 8.13 -2.35 10.99
N HIS B 155 8.94 -2.66 11.99
CA HIS B 155 10.33 -2.21 12.01
C HIS B 155 11.31 -3.16 11.33
N ASN B 156 10.79 -4.19 10.65
CA ASN B 156 11.61 -5.19 9.98
C ASN B 156 12.57 -5.87 10.95
N LYS B 157 12.11 -6.06 12.18
CA LYS B 157 12.96 -6.65 13.22
C LYS B 157 12.71 -8.14 13.47
N LEU B 158 11.78 -8.75 12.75
CA LEU B 158 11.58 -10.20 12.87
C LEU B 158 12.74 -10.95 12.24
N HIS B 159 12.97 -12.18 12.71
CA HIS B 159 14.07 -13.00 12.22
C HIS B 159 13.71 -13.71 10.91
N VAL B 160 13.34 -12.92 9.92
CA VAL B 160 13.23 -13.35 8.53
C VAL B 160 13.80 -12.21 7.70
N SER B 161 13.92 -12.40 6.40
CA SER B 161 14.58 -11.39 5.57
C SER B 161 13.77 -10.11 5.52
N GLU B 162 14.44 -9.00 5.21
CA GLU B 162 13.73 -7.74 4.98
C GLU B 162 12.70 -7.89 3.86
N ARG B 163 13.09 -8.55 2.77
CA ARG B 163 12.18 -8.74 1.66
C ARG B 163 10.90 -9.46 2.09
N SER B 164 11.02 -10.53 2.88
CA SER B 164 9.85 -11.26 3.35
C SER B 164 8.91 -10.33 4.12
N GLN B 165 9.48 -9.48 4.95
CA GLN B 165 8.67 -8.59 5.78
C GLN B 165 8.02 -7.51 4.93
N ARG B 166 8.74 -6.99 3.94
CA ARG B 166 8.17 -6.00 3.03
C ARG B 166 7.02 -6.59 2.23
N ILE B 167 7.18 -7.82 1.76
CA ILE B 167 6.12 -8.43 0.95
C ILE B 167 4.86 -8.66 1.79
N VAL B 168 5.02 -9.11 3.03
CA VAL B 168 3.85 -9.36 3.85
C VAL B 168 3.15 -8.05 4.19
N LYS B 169 3.91 -7.00 4.45
CA LYS B 169 3.28 -5.72 4.76
C LYS B 169 2.52 -5.18 3.56
N GLN B 170 3.05 -5.41 2.35
CA GLN B 170 2.28 -5.11 1.12
C GLN B 170 0.96 -5.89 1.09
N ALA B 171 1.01 -7.19 1.36
CA ALA B 171 -0.18 -8.05 1.32
C ALA B 171 -1.18 -7.69 2.41
N MET B 172 -0.70 -7.04 3.48
CA MET B 172 -1.61 -6.61 4.54
C MET B 172 -2.36 -5.33 4.20
N LEU B 173 -1.98 -4.67 3.11
CA LEU B 173 -2.65 -3.42 2.75
C LEU B 173 -4.16 -3.60 2.70
N THR B 174 -4.89 -2.76 3.43
CA THR B 174 -6.34 -2.89 3.55
C THR B 174 -7.07 -1.63 3.09
N GLU B 175 -6.57 -0.47 3.50
CA GLU B 175 -7.21 0.78 3.12
C GLU B 175 -6.18 1.89 3.08
N ALA B 176 -6.34 2.84 2.15
CA ALA B 176 -5.46 4.00 2.11
C ALA B 176 -6.16 5.17 1.46
N ASN B 177 -5.85 6.38 1.93
CA ASN B 177 -6.36 7.61 1.36
C ASN B 177 -5.42 8.73 1.79
N GLY B 178 -5.82 9.98 1.59
CA GLY B 178 -4.96 11.10 1.92
C GLY B 178 -4.78 11.35 3.41
N ASP B 179 -5.55 10.63 4.23
CA ASP B 179 -5.47 10.82 5.68
C ASP B 179 -4.73 9.72 6.42
N TYR B 180 -4.79 8.49 5.90
CA TYR B 180 -4.18 7.37 6.62
C TYR B 180 -3.99 6.16 5.72
N ILE B 181 -3.17 5.22 6.20
CA ILE B 181 -2.99 3.91 5.57
C ILE B 181 -3.21 2.84 6.62
N ILE B 182 -4.08 1.88 6.34
CA ILE B 182 -4.26 0.75 7.27
C ILE B 182 -3.69 -0.53 6.66
N ARG B 183 -2.80 -1.17 7.40
CA ARG B 183 -2.32 -2.50 7.03
C ARG B 183 -2.80 -3.42 8.14
N ALA B 184 -3.52 -4.49 7.80
CA ALA B 184 -4.18 -5.28 8.83
C ALA B 184 -4.59 -6.65 8.35
N LYS B 185 -5.06 -7.48 9.28
CA LYS B 185 -5.55 -8.81 8.94
C LYS B 185 -6.73 -9.13 9.83
N THR B 186 -7.81 -9.59 9.21
CA THR B 186 -8.99 -10.06 9.91
C THR B 186 -8.85 -11.51 10.35
N GLY B 187 -9.62 -11.89 11.35
CA GLY B 187 -9.70 -13.28 11.78
C GLY B 187 -11.07 -13.60 12.33
N TYR B 188 -11.48 -14.85 12.19
CA TYR B 188 -12.76 -15.31 12.72
C TYR B 188 -12.56 -16.72 13.26
N SER B 189 -12.56 -16.84 14.58
CA SER B 189 -12.35 -18.12 15.23
C SER B 189 -13.70 -18.77 15.55
N THR B 190 -14.01 -19.88 14.88
CA THR B 190 -15.33 -20.52 15.01
C THR B 190 -15.30 -21.97 15.44
N ARG B 191 -14.13 -22.61 15.36
CA ARG B 191 -14.06 -24.04 15.62
C ARG B 191 -14.12 -24.40 17.09
N ILE B 192 -13.67 -23.49 17.95
CA ILE B 192 -13.63 -23.70 19.39
C ILE B 192 -14.18 -22.47 20.11
N GLU B 193 -15.02 -22.69 21.11
CA GLU B 193 -15.57 -21.57 21.88
C GLU B 193 -14.49 -20.89 22.71
N PRO B 194 -14.63 -19.57 22.94
CA PRO B 194 -15.71 -18.72 22.44
C PRO B 194 -15.46 -18.25 21.01
N LYS B 195 -16.51 -18.20 20.20
CA LYS B 195 -16.36 -17.68 18.84
C LYS B 195 -16.06 -16.19 18.91
N ILE B 196 -14.96 -15.78 18.29
CA ILE B 196 -14.58 -14.38 18.31
C ILE B 196 -14.11 -13.89 16.94
N GLY B 197 -14.19 -12.58 16.75
CA GLY B 197 -13.66 -11.97 15.55
C GLY B 197 -12.46 -11.13 15.94
N TRP B 198 -11.46 -11.08 15.06
CA TRP B 198 -10.23 -10.30 15.25
C TRP B 198 -10.07 -9.24 14.17
N TRP B 199 -9.41 -8.13 14.51
CA TRP B 199 -8.79 -7.28 13.50
C TRP B 199 -7.52 -6.72 14.11
N VAL B 200 -6.39 -6.99 13.48
CA VAL B 200 -5.10 -6.53 14.01
C VAL B 200 -4.26 -5.89 12.90
N GLY B 201 -3.49 -4.85 13.26
CA GLY B 201 -2.68 -4.19 12.26
C GLY B 201 -2.18 -2.86 12.75
N TRP B 202 -2.09 -1.89 11.85
CA TRP B 202 -1.74 -0.54 12.28
C TRP B 202 -2.25 0.52 11.31
N VAL B 203 -2.28 1.76 11.82
CA VAL B 203 -2.65 2.94 11.05
C VAL B 203 -1.40 3.79 10.87
N GLU B 204 -0.98 4.00 9.62
CA GLU B 204 0.15 4.88 9.31
C GLU B 204 -0.36 6.29 9.08
N LEU B 205 0.17 7.24 9.85
CA LEU B 205 -0.06 8.67 9.62
C LEU B 205 1.22 9.28 9.07
N ASP B 206 1.14 10.56 8.67
CA ASP B 206 2.34 11.26 8.21
C ASP B 206 3.49 11.20 9.20
N ASP B 207 3.18 11.36 10.49
CA ASP B 207 4.26 11.53 11.47
C ASP B 207 4.14 10.63 12.69
N ASN B 208 3.31 9.59 12.58
CA ASN B 208 3.19 8.62 13.67
C ASN B 208 2.59 7.33 13.13
N VAL B 209 2.70 6.25 13.89
CA VAL B 209 1.99 5.02 13.57
C VAL B 209 1.25 4.57 14.83
N TRP B 210 -0.01 4.19 14.65
CA TRP B 210 -0.83 3.66 15.74
C TRP B 210 -1.10 2.19 15.49
N PHE B 211 -0.53 1.32 16.32
CA PHE B 211 -0.82 -0.11 16.20
C PHE B 211 -2.15 -0.42 16.85
N PHE B 212 -2.86 -1.42 16.32
CA PHE B 212 -4.10 -1.81 16.98
C PHE B 212 -4.32 -3.30 16.94
N ALA B 213 -5.06 -3.78 17.93
CA ALA B 213 -5.51 -5.16 17.92
C ALA B 213 -6.85 -5.19 18.64
N MET B 214 -7.84 -5.79 18.00
CA MET B 214 -9.16 -5.87 18.60
C MET B 214 -9.68 -7.29 18.49
N ASN B 215 -10.48 -7.71 19.46
CA ASN B 215 -11.29 -8.90 19.24
C ASN B 215 -12.63 -8.70 19.91
N MET B 216 -13.64 -9.43 19.46
CA MET B 216 -15.00 -9.23 19.98
C MET B 216 -15.76 -10.54 19.88
N ASP B 217 -16.75 -10.71 20.74
CA ASP B 217 -17.59 -11.91 20.67
C ASP B 217 -18.35 -11.90 19.35
N MET B 218 -18.44 -13.07 18.73
CA MET B 218 -18.97 -13.18 17.38
C MET B 218 -19.76 -14.48 17.21
N PRO B 219 -20.98 -14.51 17.75
CA PRO B 219 -21.78 -15.73 17.74
C PRO B 219 -22.23 -16.14 16.33
N THR B 220 -22.45 -15.17 15.46
CA THR B 220 -22.78 -15.45 14.07
C THR B 220 -21.90 -14.63 13.14
N SER B 221 -21.81 -15.05 11.88
CA SER B 221 -21.04 -14.32 10.88
C SER B 221 -21.65 -12.96 10.54
N ASP B 222 -22.89 -12.73 10.97
CA ASP B 222 -23.60 -11.51 10.57
C ASP B 222 -22.93 -10.25 11.10
N GLY B 223 -22.19 -10.37 12.19
CA GLY B 223 -21.60 -9.21 12.81
C GLY B 223 -20.17 -8.93 12.40
N LEU B 224 -19.65 -9.67 11.42
CA LEU B 224 -18.23 -9.55 11.08
C LEU B 224 -17.81 -8.13 10.72
N GLY B 225 -18.69 -7.37 10.07
CA GLY B 225 -18.39 -5.99 9.72
C GLY B 225 -18.14 -5.06 10.91
N LEU B 226 -18.62 -5.45 12.08
CA LEU B 226 -18.42 -4.66 13.30
C LEU B 226 -16.96 -4.61 13.74
N ARG B 227 -16.15 -5.58 13.30
CA ARG B 227 -14.73 -5.57 13.66
C ARG B 227 -14.09 -4.27 13.20
N GLN B 228 -14.24 -3.96 11.93
CA GLN B 228 -13.70 -2.73 11.39
C GLN B 228 -14.50 -1.50 11.86
N ALA B 229 -15.82 -1.61 11.93
CA ALA B 229 -16.63 -0.44 12.25
C ALA B 229 -16.37 0.07 13.67
N ILE B 230 -16.33 -0.84 14.63
CA ILE B 230 -16.09 -0.46 16.01
C ILE B 230 -14.67 0.09 16.15
N THR B 231 -13.71 -0.56 15.50
CA THR B 231 -12.34 -0.07 15.57
C THR B 231 -12.24 1.35 15.04
N LYS B 232 -12.90 1.65 13.92
CA LYS B 232 -12.82 2.99 13.34
C LYS B 232 -13.55 4.03 14.20
N GLU B 233 -14.60 3.61 14.93
CA GLU B 233 -15.24 4.53 15.86
C GLU B 233 -14.28 4.94 16.98
N VAL B 234 -13.51 3.97 17.47
CA VAL B 234 -12.49 4.26 18.47
C VAL B 234 -11.43 5.19 17.90
N LEU B 235 -10.93 4.87 16.70
CA LEU B 235 -9.95 5.72 16.05
C LEU B 235 -10.48 7.14 15.85
N LYS B 236 -11.75 7.25 15.49
CA LYS B 236 -12.37 8.58 15.32
C LYS B 236 -12.45 9.34 16.65
N GLN B 237 -12.88 8.65 17.70
CA GLN B 237 -12.97 9.27 19.02
C GLN B 237 -11.62 9.78 19.51
N GLU B 238 -10.55 9.04 19.21
CA GLU B 238 -9.21 9.40 19.66
C GLU B 238 -8.51 10.37 18.70
N LYS B 239 -9.25 10.85 17.71
CA LYS B 239 -8.75 11.83 16.73
C LYS B 239 -7.60 11.31 15.88
N ILE B 240 -7.49 10.00 15.74
CA ILE B 240 -6.44 9.39 14.91
C ILE B 240 -6.81 9.47 13.41
N ILE B 241 -8.09 9.25 13.11
CA ILE B 241 -8.59 9.43 11.74
C ILE B 241 -9.77 10.40 11.79
N PRO B 242 -10.05 11.10 10.68
CA PRO B 242 -11.19 12.03 10.66
C PRO B 242 -12.53 11.32 10.81
#